data_3OUE
#
_entry.id   3OUE
#
_cell.length_a   40.800
_cell.length_b   66.400
_cell.length_c   94.600
_cell.angle_alpha   90.00
_cell.angle_beta   90.00
_cell.angle_gamma   90.00
#
_symmetry.space_group_name_H-M   'P 21 21 21'
#
loop_
_entity.id
_entity.type
_entity.pdbx_description
1 polymer 'Cytochrome c family protein'
2 non-polymer 'SULFATE ION'
3 non-polymer 'HEME C'
4 water water
#
_entity_poly.entity_id   1
_entity_poly.type   'polypeptide(L)'
_entity_poly.pdbx_seq_one_letter_code
;MTPPKTVNFKMKGVADAAFSHEFHLGMYKCNECHTKLFAYKAGAKRFTMADMDKGKSCGACHNGKDAFSSASDCGKCHPG
LKPAKLTYKTSVGEAYFDHDIHLSMFKCADCHTKVFKYRKGSAPATMADMEKGKSCGVCHNGKDAFSVADDCVKCHNM
;
_entity_poly.pdbx_strand_id   A
#
loop_
_chem_comp.id
_chem_comp.type
_chem_comp.name
_chem_comp.formula
HEC non-polymer 'HEME C' 'C34 H34 Fe N4 O4'
SO4 non-polymer 'SULFATE ION' 'O4 S -2'
#
# COMPACT_ATOMS: atom_id res chain seq x y z
N MET A 1 -30.06 -3.88 20.61
CA MET A 1 -29.38 -4.10 19.29
C MET A 1 -28.32 -3.02 19.05
N THR A 2 -27.16 -3.43 18.55
CA THR A 2 -26.06 -2.51 18.27
C THR A 2 -25.90 -2.25 16.77
N PRO A 3 -25.36 -1.08 16.39
CA PRO A 3 -25.17 -0.75 14.99
C PRO A 3 -24.32 -1.82 14.29
N PRO A 4 -24.40 -1.89 12.96
CA PRO A 4 -23.57 -2.90 12.30
C PRO A 4 -22.12 -2.65 12.76
N LYS A 5 -21.37 -3.72 12.96
CA LYS A 5 -20.00 -3.61 13.44
C LYS A 5 -18.97 -3.49 12.32
N THR A 6 -17.73 -3.22 12.73
CA THR A 6 -16.62 -3.10 11.82
C THR A 6 -16.47 -4.45 11.13
N VAL A 7 -16.25 -4.44 9.83
CA VAL A 7 -16.12 -5.67 9.08
C VAL A 7 -14.68 -6.04 8.78
N ASN A 8 -14.35 -7.30 8.97
CA ASN A 8 -13.00 -7.82 8.71
C ASN A 8 -13.02 -8.75 7.52
N PHE A 9 -12.17 -8.48 6.53
CA PHE A 9 -12.10 -9.33 5.34
C PHE A 9 -10.86 -10.22 5.43
N LYS A 10 -11.09 -11.51 5.64
CA LYS A 10 -10.00 -12.46 5.75
C LYS A 10 -9.60 -13.03 4.39
N MET A 11 -8.35 -12.80 4.01
CA MET A 11 -7.81 -13.32 2.76
C MET A 11 -6.59 -14.15 3.08
N LYS A 12 -6.51 -15.34 2.51
CA LYS A 12 -5.36 -16.19 2.76
C LYS A 12 -4.26 -15.76 1.80
N GLY A 13 -3.09 -15.47 2.36
CA GLY A 13 -1.98 -15.03 1.54
C GLY A 13 -1.93 -13.51 1.43
N VAL A 14 -3.04 -12.85 1.74
CA VAL A 14 -3.12 -11.39 1.67
C VAL A 14 -3.39 -10.81 3.05
N ALA A 15 -2.88 -9.60 3.29
CA ALA A 15 -3.11 -8.93 4.56
C ALA A 15 -4.59 -8.60 4.64
N ASP A 16 -5.20 -8.85 5.79
CA ASP A 16 -6.63 -8.58 5.97
C ASP A 16 -6.98 -7.11 5.76
N ALA A 17 -8.23 -6.89 5.36
CA ALA A 17 -8.75 -5.55 5.14
C ALA A 17 -9.86 -5.30 6.16
N ALA A 18 -10.18 -4.03 6.38
CA ALA A 18 -11.22 -3.67 7.32
C ALA A 18 -12.13 -2.58 6.76
N PHE A 19 -13.38 -2.58 7.21
CA PHE A 19 -14.36 -1.58 6.79
C PHE A 19 -15.04 -1.08 8.05
N SER A 20 -15.12 0.23 8.21
CA SER A 20 -15.74 0.82 9.39
C SER A 20 -17.14 1.30 9.07
N HIS A 21 -18.13 0.67 9.69
CA HIS A 21 -19.50 1.10 9.49
C HIS A 21 -19.67 2.46 10.12
N GLU A 22 -19.20 2.61 11.34
CA GLU A 22 -19.33 3.88 12.05
C GLU A 22 -18.81 5.07 11.25
N PHE A 23 -17.61 4.96 10.70
CA PHE A 23 -17.07 6.07 9.90
C PHE A 23 -17.96 6.39 8.69
N HIS A 24 -18.32 5.38 7.91
CA HIS A 24 -19.15 5.62 6.74
C HIS A 24 -20.59 6.04 7.07
N LEU A 25 -21.08 5.65 8.24
CA LEU A 25 -22.42 6.03 8.63
C LEU A 25 -22.48 7.53 8.91
N GLY A 26 -21.31 8.15 9.03
CA GLY A 26 -21.28 9.58 9.27
C GLY A 26 -21.58 10.32 7.97
N MET A 27 -21.59 9.57 6.87
CA MET A 27 -21.83 10.13 5.55
C MET A 27 -23.02 9.50 4.83
N TYR A 28 -23.29 8.22 5.09
CA TYR A 28 -24.38 7.55 4.40
C TYR A 28 -25.39 6.84 5.27
N LYS A 29 -26.53 6.54 4.65
CA LYS A 29 -27.62 5.81 5.29
C LYS A 29 -27.54 4.41 4.69
N CYS A 30 -28.08 3.42 5.40
CA CYS A 30 -28.02 2.02 4.96
C CYS A 30 -28.28 1.73 3.47
N ASN A 31 -29.37 2.25 2.91
CA ASN A 31 -29.70 1.95 1.50
C ASN A 31 -28.75 2.49 0.45
N GLU A 32 -27.74 3.26 0.84
CA GLU A 32 -26.83 3.76 -0.16
C GLU A 32 -25.78 2.71 -0.50
N CYS A 33 -25.74 1.65 0.29
CA CYS A 33 -24.80 0.55 0.04
C CYS A 33 -25.50 -0.80 0.03
N HIS A 34 -26.58 -0.90 0.79
CA HIS A 34 -27.35 -2.12 0.88
C HIS A 34 -28.66 -1.98 0.13
N THR A 35 -29.00 -2.88 -0.78
CA THR A 35 -28.27 -4.08 -1.19
C THR A 35 -27.65 -4.04 -2.59
N LYS A 36 -27.57 -2.86 -3.20
CA LYS A 36 -26.99 -2.76 -4.54
C LYS A 36 -25.48 -3.03 -4.50
N LEU A 37 -24.78 -2.47 -3.52
CA LEU A 37 -23.35 -2.68 -3.41
C LEU A 37 -22.99 -3.91 -2.57
N PHE A 38 -23.68 -4.08 -1.44
CA PHE A 38 -23.41 -5.22 -0.58
C PHE A 38 -24.73 -5.77 -0.02
N ALA A 39 -24.76 -7.06 0.25
CA ALA A 39 -25.95 -7.69 0.78
C ALA A 39 -25.97 -7.63 2.30
N TYR A 40 -27.12 -7.91 2.88
CA TYR A 40 -27.28 -7.91 4.33
C TYR A 40 -27.04 -9.32 4.88
N LYS A 41 -26.90 -10.28 3.98
CA LYS A 41 -26.70 -11.68 4.40
C LYS A 41 -25.24 -12.11 4.52
N ALA A 42 -25.04 -13.17 5.31
CA ALA A 42 -23.73 -13.74 5.55
C ALA A 42 -23.24 -14.41 4.27
N GLY A 43 -24.00 -14.25 3.19
CA GLY A 43 -23.63 -14.85 1.92
C GLY A 43 -22.47 -14.08 1.31
N ALA A 44 -21.37 -14.78 1.08
CA ALA A 44 -20.18 -14.15 0.49
C ALA A 44 -20.37 -13.87 -0.99
N LYS A 45 -19.54 -12.96 -1.49
CA LYS A 45 -19.53 -12.55 -2.89
C LYS A 45 -18.16 -11.94 -3.13
N ARG A 46 -17.16 -12.52 -2.48
CA ARG A 46 -15.76 -12.09 -2.55
C ARG A 46 -15.34 -11.35 -3.83
N PHE A 47 -14.70 -10.20 -3.64
CA PHE A 47 -14.22 -9.38 -4.75
C PHE A 47 -12.71 -9.20 -4.73
N THR A 48 -12.18 -8.75 -5.87
CA THR A 48 -10.75 -8.52 -6.02
C THR A 48 -10.53 -7.03 -6.19
N MET A 49 -9.28 -6.60 -6.07
CA MET A 49 -8.96 -5.20 -6.24
C MET A 49 -9.23 -4.80 -7.69
N ALA A 50 -9.30 -5.79 -8.56
CA ALA A 50 -9.55 -5.55 -9.97
C ALA A 50 -11.03 -5.20 -10.15
N ASP A 51 -11.89 -6.01 -9.57
CA ASP A 51 -13.33 -5.78 -9.63
C ASP A 51 -13.62 -4.38 -9.11
N MET A 52 -12.86 -3.97 -8.10
CA MET A 52 -13.03 -2.66 -7.51
C MET A 52 -12.71 -1.55 -8.51
N ASP A 53 -11.69 -1.74 -9.33
CA ASP A 53 -11.32 -0.75 -10.33
C ASP A 53 -12.45 -0.68 -11.34
N LYS A 54 -13.16 -1.79 -11.50
CA LYS A 54 -14.27 -1.87 -12.42
C LYS A 54 -15.57 -1.38 -11.80
N GLY A 55 -15.42 -0.60 -10.73
CA GLY A 55 -16.59 -0.03 -10.06
C GLY A 55 -17.41 -0.87 -9.12
N LYS A 56 -16.89 -2.01 -8.65
CA LYS A 56 -17.64 -2.84 -7.74
C LYS A 56 -17.06 -2.85 -6.32
N SER A 57 -17.88 -3.20 -5.35
CA SER A 57 -17.46 -3.23 -3.95
C SER A 57 -17.01 -1.83 -3.53
N CYS A 58 -15.88 -1.74 -2.83
CA CYS A 58 -15.37 -0.44 -2.37
C CYS A 58 -15.14 0.50 -3.56
N GLY A 59 -14.92 -0.10 -4.73
CA GLY A 59 -14.66 0.68 -5.93
C GLY A 59 -15.80 1.55 -6.43
N ALA A 60 -17.01 1.30 -5.93
CA ALA A 60 -18.15 2.10 -6.36
C ALA A 60 -17.95 3.56 -5.96
N CYS A 61 -17.16 3.80 -4.92
CA CYS A 61 -16.90 5.16 -4.45
C CYS A 61 -15.41 5.50 -4.43
N HIS A 62 -14.60 4.51 -4.08
CA HIS A 62 -13.16 4.70 -4.02
C HIS A 62 -12.61 4.62 -5.43
N ASN A 63 -12.90 5.70 -6.16
CA ASN A 63 -12.51 5.81 -7.57
C ASN A 63 -11.72 7.07 -7.88
N GLY A 64 -11.21 7.73 -6.85
CA GLY A 64 -10.44 8.94 -7.10
C GLY A 64 -11.30 10.19 -7.21
N LYS A 65 -12.61 10.02 -7.38
CA LYS A 65 -13.51 11.17 -7.48
C LYS A 65 -14.38 11.31 -6.24
N ASP A 66 -15.19 10.28 -5.96
CA ASP A 66 -16.07 10.29 -4.81
C ASP A 66 -15.27 10.10 -3.52
N ALA A 67 -14.33 9.17 -3.56
CA ALA A 67 -13.46 8.89 -2.41
C ALA A 67 -12.11 8.49 -2.98
N PHE A 68 -11.06 8.51 -2.15
CA PHE A 68 -9.72 8.15 -2.62
C PHE A 68 -9.72 6.82 -3.37
N SER A 69 -8.93 6.74 -4.43
CA SER A 69 -8.84 5.55 -5.27
C SER A 69 -8.36 4.29 -4.57
N SER A 70 -9.09 3.19 -4.79
CA SER A 70 -8.73 1.92 -4.18
C SER A 70 -7.53 1.25 -4.87
N ALA A 71 -6.92 1.98 -5.80
CA ALA A 71 -5.77 1.45 -6.52
C ALA A 71 -4.48 1.74 -5.74
N SER A 72 -4.56 2.73 -4.84
CA SER A 72 -3.39 3.10 -4.06
C SER A 72 -3.72 3.17 -2.56
N ASP A 73 -2.74 3.60 -1.76
CA ASP A 73 -2.91 3.72 -0.31
C ASP A 73 -3.51 2.46 0.28
N CYS A 74 -2.85 1.34 0.03
CA CYS A 74 -3.29 0.04 0.53
C CYS A 74 -3.38 0.01 2.05
N GLY A 75 -2.52 0.78 2.71
CA GLY A 75 -2.51 0.80 4.16
C GLY A 75 -3.74 1.41 4.82
N LYS A 76 -4.54 2.14 4.05
CA LYS A 76 -5.73 2.75 4.62
C LYS A 76 -6.81 1.72 4.89
N CYS A 77 -6.89 0.70 4.03
CA CYS A 77 -7.88 -0.36 4.20
C CYS A 77 -7.20 -1.64 4.68
N HIS A 78 -5.93 -1.81 4.33
CA HIS A 78 -5.17 -3.00 4.74
C HIS A 78 -4.15 -2.65 5.83
N PRO A 79 -4.57 -2.71 7.10
CA PRO A 79 -3.68 -2.40 8.21
C PRO A 79 -2.26 -2.96 8.06
N GLY A 80 -2.17 -4.21 7.62
CA GLY A 80 -0.86 -4.83 7.45
C GLY A 80 -0.06 -4.31 6.28
N LEU A 81 -0.70 -3.58 5.37
CA LEU A 81 0.00 -3.03 4.21
C LEU A 81 0.39 -1.58 4.45
N LYS A 82 0.54 -1.21 5.71
CA LYS A 82 0.89 0.16 6.08
C LYS A 82 2.37 0.45 5.81
N PRO A 83 2.65 1.48 5.00
CA PRO A 83 4.03 1.85 4.68
C PRO A 83 4.70 2.45 5.91
N ALA A 84 5.88 1.96 6.27
CA ALA A 84 6.59 2.46 7.44
C ALA A 84 8.07 2.68 7.15
N LYS A 85 8.78 3.23 8.12
CA LYS A 85 10.21 3.48 7.98
C LYS A 85 10.92 2.14 8.12
N LEU A 86 11.70 1.77 7.09
CA LEU A 86 12.42 0.50 7.09
C LEU A 86 13.88 0.63 7.51
N THR A 87 14.38 -0.40 8.19
CA THR A 87 15.76 -0.45 8.65
C THR A 87 16.41 -1.74 8.17
N TYR A 88 17.52 -1.62 7.43
CA TYR A 88 18.21 -2.80 6.94
C TYR A 88 19.50 -3.01 7.71
N LYS A 89 19.80 -4.26 8.04
CA LYS A 89 21.02 -4.59 8.75
C LYS A 89 22.06 -4.99 7.73
N THR A 90 23.01 -4.12 7.48
CA THR A 90 24.04 -4.40 6.49
C THR A 90 25.41 -4.67 7.10
N SER A 91 26.31 -5.17 6.28
CA SER A 91 27.67 -5.48 6.70
C SER A 91 28.46 -4.23 7.11
N VAL A 92 27.86 -3.05 7.02
CA VAL A 92 28.58 -1.84 7.41
C VAL A 92 27.71 -0.99 8.34
N GLY A 93 26.69 -1.62 8.90
CA GLY A 93 25.78 -0.92 9.78
C GLY A 93 24.36 -0.88 9.26
N GLU A 94 23.56 0.00 9.84
CA GLU A 94 22.17 0.14 9.43
C GLU A 94 21.98 1.08 8.26
N ALA A 95 21.07 0.69 7.37
CA ALA A 95 20.71 1.48 6.20
C ALA A 95 19.21 1.67 6.35
N TYR A 96 18.71 2.83 5.95
CA TYR A 96 17.28 3.08 6.11
C TYR A 96 16.53 3.47 4.87
N PHE A 97 15.21 3.33 4.94
CA PHE A 97 14.32 3.70 3.85
C PHE A 97 13.05 4.30 4.44
N ASP A 98 12.84 5.59 4.22
CA ASP A 98 11.67 6.29 4.73
C ASP A 98 10.57 6.39 3.68
N HIS A 99 9.46 5.69 3.92
CA HIS A 99 8.32 5.72 3.00
C HIS A 99 7.72 7.12 2.90
N ASP A 100 7.46 7.73 4.05
CA ASP A 100 6.86 9.05 4.08
C ASP A 100 7.51 10.07 3.18
N ILE A 101 8.83 10.16 3.20
CA ILE A 101 9.53 11.12 2.36
C ILE A 101 9.27 10.82 0.88
N HIS A 102 9.28 9.54 0.51
CA HIS A 102 9.03 9.19 -0.88
C HIS A 102 7.57 9.34 -1.27
N LEU A 103 6.65 9.10 -0.33
CA LEU A 103 5.24 9.22 -0.63
C LEU A 103 4.83 10.65 -0.94
N SER A 104 5.72 11.61 -0.72
CA SER A 104 5.40 13.00 -1.03
C SER A 104 5.69 13.24 -2.52
N MET A 105 6.25 12.24 -3.19
CA MET A 105 6.58 12.35 -4.61
C MET A 105 6.02 11.23 -5.46
N PHE A 106 5.80 10.05 -4.86
CA PHE A 106 5.29 8.92 -5.63
C PHE A 106 4.07 8.25 -5.01
N LYS A 107 3.46 7.37 -5.79
CA LYS A 107 2.30 6.61 -5.35
C LYS A 107 2.78 5.16 -5.21
N CYS A 108 2.06 4.36 -4.43
CA CYS A 108 2.43 2.97 -4.22
C CYS A 108 2.85 2.25 -5.51
N ALA A 109 2.08 2.46 -6.56
CA ALA A 109 2.33 1.82 -7.85
C ALA A 109 3.67 2.15 -8.50
N ASP A 110 4.25 3.29 -8.15
CA ASP A 110 5.52 3.68 -8.73
C ASP A 110 6.69 2.78 -8.33
N CYS A 111 6.51 1.98 -7.28
CA CYS A 111 7.56 1.08 -6.82
C CYS A 111 7.04 -0.34 -6.67
N HIS A 112 5.79 -0.48 -6.26
CA HIS A 112 5.18 -1.78 -6.08
C HIS A 112 4.35 -2.08 -7.32
N THR A 113 4.45 -3.25 -7.92
CA THR A 113 5.30 -4.38 -7.56
C THR A 113 6.47 -4.59 -8.53
N LYS A 114 6.58 -3.74 -9.54
CA LYS A 114 7.67 -3.87 -10.50
C LYS A 114 9.05 -3.77 -9.86
N VAL A 115 9.21 -2.84 -8.92
CA VAL A 115 10.50 -2.65 -8.26
C VAL A 115 10.59 -3.41 -6.95
N PHE A 116 9.63 -3.19 -6.05
CA PHE A 116 9.63 -3.89 -4.77
C PHE A 116 8.31 -4.56 -4.48
N LYS A 117 8.37 -5.59 -3.65
CA LYS A 117 7.18 -6.32 -3.24
C LYS A 117 6.78 -5.68 -1.91
N TYR A 118 5.55 -5.91 -1.49
CA TYR A 118 5.09 -5.36 -0.23
C TYR A 118 5.62 -6.22 0.92
N ARG A 119 6.88 -6.60 0.83
CA ARG A 119 7.49 -7.43 1.85
C ARG A 119 9.00 -7.16 1.92
N LYS A 120 9.45 -6.61 3.04
CA LYS A 120 10.86 -6.31 3.21
C LYS A 120 11.72 -7.57 3.21
N GLY A 121 12.98 -7.41 2.79
CA GLY A 121 13.91 -8.53 2.75
C GLY A 121 13.71 -9.54 1.64
N SER A 122 12.71 -9.32 0.79
CA SER A 122 12.42 -10.23 -0.31
C SER A 122 13.61 -10.43 -1.25
N ALA A 123 13.93 -9.42 -2.05
CA ALA A 123 15.04 -9.52 -3.00
C ALA A 123 16.20 -8.60 -2.63
N PRO A 124 17.07 -9.04 -1.70
CA PRO A 124 18.22 -8.24 -1.27
C PRO A 124 19.12 -7.85 -2.44
N ALA A 125 19.75 -6.68 -2.33
CA ALA A 125 20.63 -6.18 -3.37
C ALA A 125 21.90 -5.58 -2.79
N THR A 126 22.99 -5.67 -3.55
CA THR A 126 24.26 -5.11 -3.16
C THR A 126 24.31 -3.70 -3.77
N MET A 127 25.26 -2.88 -3.33
CA MET A 127 25.36 -1.55 -3.90
C MET A 127 25.70 -1.69 -5.38
N ALA A 128 26.53 -2.69 -5.70
CA ALA A 128 26.89 -2.93 -7.10
C ALA A 128 25.60 -3.18 -7.89
N ASP A 129 24.70 -3.97 -7.33
CA ASP A 129 23.43 -4.25 -8.01
C ASP A 129 22.73 -2.94 -8.23
N MET A 130 22.73 -2.08 -7.22
CA MET A 130 22.08 -0.79 -7.31
C MET A 130 22.72 0.10 -8.35
N GLU A 131 24.05 0.02 -8.47
CA GLU A 131 24.75 0.82 -9.45
C GLU A 131 24.37 0.42 -10.87
N LYS A 132 23.95 -0.82 -11.05
CA LYS A 132 23.53 -1.34 -12.35
C LYS A 132 22.04 -1.08 -12.62
N GLY A 133 21.39 -0.36 -11.72
CA GLY A 133 19.98 -0.05 -11.92
C GLY A 133 18.96 -0.83 -11.11
N LYS A 134 19.41 -1.74 -10.24
CA LYS A 134 18.48 -2.51 -9.42
C LYS A 134 18.14 -1.86 -8.08
N SER A 135 17.04 -2.29 -7.47
CA SER A 135 16.60 -1.79 -6.18
C SER A 135 16.53 -0.24 -6.22
N CYS A 136 17.04 0.42 -5.18
CA CYS A 136 17.03 1.89 -5.13
C CYS A 136 17.67 2.46 -6.40
N GLY A 137 18.66 1.75 -6.92
CA GLY A 137 19.37 2.19 -8.11
C GLY A 137 18.51 2.46 -9.33
N VAL A 138 17.27 1.98 -9.32
CA VAL A 138 16.36 2.19 -10.43
C VAL A 138 16.15 3.70 -10.62
N CYS A 139 16.16 4.43 -9.50
CA CYS A 139 15.99 5.88 -9.53
C CYS A 139 17.27 6.58 -9.09
N HIS A 140 17.88 6.08 -8.02
CA HIS A 140 19.10 6.68 -7.51
C HIS A 140 20.30 6.32 -8.38
N ASN A 141 20.39 6.99 -9.52
CA ASN A 141 21.44 6.74 -10.49
C ASN A 141 22.21 8.00 -10.83
N GLY A 142 21.94 9.09 -10.12
CA GLY A 142 22.67 10.30 -10.41
C GLY A 142 22.18 11.07 -11.62
N LYS A 143 21.15 10.55 -12.28
CA LYS A 143 20.55 11.18 -13.46
C LYS A 143 19.09 11.52 -13.15
N ASP A 144 18.41 10.62 -12.44
CA ASP A 144 17.01 10.84 -12.09
C ASP A 144 16.94 11.32 -10.64
N ALA A 145 17.38 10.47 -9.71
CA ALA A 145 17.45 10.82 -8.29
C ALA A 145 18.96 10.74 -8.03
N PHE A 146 19.44 11.28 -6.90
CA PHE A 146 20.87 11.25 -6.63
C PHE A 146 21.43 9.81 -6.62
N SER A 147 22.68 9.66 -7.03
CA SER A 147 23.28 8.33 -7.11
C SER A 147 23.62 7.67 -5.79
N VAL A 148 23.82 6.36 -5.87
CA VAL A 148 24.19 5.55 -4.73
C VAL A 148 25.71 5.36 -4.72
N ALA A 149 26.40 6.03 -5.64
CA ALA A 149 27.85 5.91 -5.76
C ALA A 149 28.67 6.58 -4.67
N ASP A 150 28.08 7.54 -3.96
CA ASP A 150 28.77 8.24 -2.89
C ASP A 150 27.78 8.79 -1.87
N ASP A 151 28.26 9.70 -1.02
CA ASP A 151 27.43 10.28 0.04
C ASP A 151 26.64 9.16 0.74
N CYS A 152 27.35 8.11 1.14
CA CYS A 152 26.72 6.97 1.80
C CYS A 152 25.86 7.38 2.99
N VAL A 153 26.29 8.40 3.72
CA VAL A 153 25.58 8.85 4.90
C VAL A 153 24.13 9.26 4.64
N LYS A 154 23.77 9.45 3.37
CA LYS A 154 22.40 9.82 3.03
C LYS A 154 21.46 8.69 3.42
N CYS A 155 21.94 7.45 3.30
CA CYS A 155 21.13 6.28 3.62
C CYS A 155 21.71 5.44 4.74
N HIS A 156 23.01 5.61 4.99
CA HIS A 156 23.70 4.82 6.01
C HIS A 156 24.12 5.57 7.25
N ASN A 157 24.16 4.82 8.35
CA ASN A 157 24.63 5.32 9.62
C ASN A 157 25.90 4.48 9.74
N MET A 158 27.02 5.01 9.23
CA MET A 158 28.27 4.25 9.27
C MET A 158 29.26 4.73 10.34
S SO4 B . -32.24 3.26 5.14
O1 SO4 B . -32.25 1.86 4.64
O2 SO4 B . -33.60 3.84 5.03
O3 SO4 B . -31.82 3.25 6.55
O4 SO4 B . -31.31 4.06 4.31
S SO4 C . -3.73 6.79 7.04
O1 SO4 C . -5.13 7.19 7.28
O2 SO4 C . -3.54 5.39 7.49
O3 SO4 C . -3.43 6.90 5.60
O4 SO4 C . -2.81 7.68 7.78
FE HEC D . -23.46 -2.41 6.08
CHA HEC D . -22.00 -5.54 6.08
CHB HEC D . -25.98 -3.56 8.05
CHC HEC D . -24.78 0.78 6.21
CHD HEC D . -21.23 -1.38 3.70
NA HEC D . -23.93 -4.16 6.84
C1A HEC D . -23.19 -5.35 6.81
C2A HEC D . -23.84 -6.35 7.61
C3A HEC D . -24.98 -5.84 8.07
C4A HEC D . -25.04 -4.47 7.60
CMA HEC D . -25.98 -6.61 8.93
CAA HEC D . -23.32 -7.77 7.84
CBA HEC D . -24.16 -8.76 7.04
CGA HEC D . -23.40 -10.02 6.69
O1A HEC D . -22.43 -9.92 5.91
O2A HEC D . -23.79 -11.11 7.17
NB HEC D . -24.97 -1.57 6.99
C1B HEC D . -25.94 -2.19 7.77
C2B HEC D . -26.92 -1.23 8.27
C3B HEC D . -26.54 0.00 7.79
C4B HEC D . -25.36 -0.22 6.99
CMB HEC D . -28.12 -1.54 9.18
CAB HEC D . -27.19 1.35 8.10
CBB HEC D . -27.14 1.66 9.59
NC HEC D . -23.09 -0.70 5.18
C1C HEC D . -23.72 0.53 5.34
C2C HEC D . -23.17 1.55 4.45
C3C HEC D . -22.20 0.92 3.72
C4C HEC D . -22.13 -0.45 4.20
CMC HEC D . -23.61 3.03 4.39
CAC HEC D . -21.45 1.43 2.48
CBC HEC D . -20.68 2.73 2.72
ND HEC D . -21.93 -3.24 5.14
C1D HEC D . -21.11 -2.67 4.17
C2D HEC D . -20.03 -3.57 3.81
C3D HEC D . -20.23 -4.74 4.47
C4D HEC D . -21.42 -4.55 5.29
CMD HEC D . -18.81 -3.24 2.94
CAD HEC D . -19.34 -5.98 4.34
CBD HEC D . -19.93 -6.94 3.31
CGD HEC D . -19.05 -8.15 3.08
O1D HEC D . -18.66 -8.82 4.07
O2D HEC D . -18.75 -8.45 1.90
FE HEC E . -14.91 4.18 2.08
CHA HEC E . -13.23 6.88 3.35
CHB HEC E . -12.53 2.13 3.45
CHC HEC E . -16.58 1.48 0.81
CHD HEC E . -17.17 6.28 0.58
NA HEC E . -13.31 4.45 3.25
C1A HEC E . -12.77 5.63 3.72
C2A HEC E . -11.53 5.41 4.46
C3A HEC E . -11.36 4.07 4.49
C4A HEC E . -12.43 3.48 3.71
CMA HEC E . -10.30 3.32 5.26
CAA HEC E . -10.58 6.46 5.05
CBA HEC E . -11.22 7.08 6.29
CGA HEC E . -10.37 8.19 6.90
O1A HEC E . -9.82 7.98 7.99
O2A HEC E . -10.28 9.27 6.29
NB HEC E . -14.62 2.27 2.10
C1B HEC E . -13.54 1.57 2.68
C2B HEC E . -13.64 0.16 2.42
C3B HEC E . -14.77 -0.02 1.64
C4B HEC E . -15.39 1.27 1.50
CMB HEC E . -12.70 -0.93 2.95
CAB HEC E . -15.25 -1.32 1.00
CBB HEC E . -15.46 -2.42 2.00
NC HEC E . -16.52 3.93 0.96
C1C HEC E . -17.11 2.73 0.58
C2C HEC E . -18.33 2.96 -0.17
C3C HEC E . -18.48 4.30 -0.27
C4C HEC E . -17.35 4.90 0.43
CMC HEC E . -19.25 1.90 -0.78
CAC HEC E . -19.58 5.05 -1.03
CBC HEC E . -20.99 4.71 -0.56
ND HEC E . -15.13 6.10 1.96
C1D HEC E . -16.14 6.82 1.32
C2D HEC E . -15.95 8.24 1.50
C3D HEC E . -14.83 8.41 2.24
C4D HEC E . -14.33 7.10 2.53
CMD HEC E . -16.78 9.39 0.92
CAD HEC E . -14.32 9.75 2.73
CBD HEC E . -13.41 10.51 1.77
CGD HEC E . -12.05 9.86 1.61
O1D HEC E . -11.32 9.70 2.62
O2D HEC E . -11.70 9.51 0.47
FE HEC F . -7.25 -4.51 -1.11
CHA HEC F . -8.83 -7.56 -1.12
CHB HEC F . -4.33 -5.96 -2.14
CHC HEC F . -5.86 -1.38 -1.67
CHD HEC F . -10.02 -3.06 0.24
NA HEC F . -6.71 -6.34 -1.55
C1A HEC F . -7.53 -7.47 -1.62
C2A HEC F . -6.79 -8.60 -2.15
C3A HEC F . -5.51 -8.20 -2.37
C4A HEC F . -5.45 -6.79 -1.95
CMA HEC F . -4.40 -9.04 -2.99
CAA HEC F . -7.38 -9.97 -2.48
CBA HEC F . -8.13 -9.98 -3.80
CGA HEC F . -7.24 -9.64 -4.98
O1A HEC F . -6.18 -10.28 -5.12
O2A HEC F . -7.60 -8.72 -5.75
NB HEC F . -5.49 -3.82 -1.74
C1B HEC F . -4.36 -4.56 -2.05
C2B HEC F . -3.27 -3.67 -2.48
C3B HEC F . -3.74 -2.40 -2.46
C4B HEC F . -5.10 -2.50 -1.98
CMB HEC F . -1.86 -4.10 -2.90
CAB HEC F . -3.02 -1.10 -2.86
CBB HEC F . -2.24 -1.13 -4.16
NC HEC F . -7.78 -2.65 -0.78
C1C HEC F . -7.11 -1.45 -1.07
C2C HEC F . -7.87 -0.28 -0.71
C3C HEC F . -9.03 -0.76 -0.11
C4C HEC F . -8.99 -2.23 -0.19
CMC HEC F . -7.49 1.17 -0.99
CAC HEC F . -10.09 0.05 0.62
CBC HEC F . -10.76 1.10 -0.24
ND HEC F . -9.00 -5.19 -0.45
C1D HEC F . -10.02 -4.45 0.13
C2D HEC F . -11.13 -5.33 0.53
C3D HEC F . -10.80 -6.58 0.12
C4D HEC F . -9.49 -6.49 -0.51
CMD HEC F . -12.38 -4.97 1.31
CAD HEC F . -11.67 -7.83 0.21
CBD HEC F . -12.84 -7.74 -0.76
CGD HEC F . -13.75 -8.93 -0.66
O1D HEC F . -14.82 -8.91 -1.31
O2D HEC F . -13.42 -9.90 0.05
FE HEC G . 6.49 0.45 -0.04
CHA HEC G . 8.11 -2.23 1.50
CHB HEC G . 3.55 -0.47 1.45
CHC HEC G . 4.83 3.09 -1.56
CHD HEC G . 9.35 1.35 -1.58
NA HEC G . 5.96 -1.02 1.19
C1A HEC G . 6.75 -2.02 1.78
C2A HEC G . 5.95 -2.86 2.69
C3A HEC G . 4.70 -2.37 2.63
C4A HEC G . 4.69 -1.25 1.70
CMA HEC G . 3.55 -2.84 3.52
CAA HEC G . 6.41 -3.95 3.68
CBA HEC G . 7.24 -3.35 4.80
CGA HEC G . 6.56 -2.15 5.47
O1A HEC G . 5.75 -2.37 6.39
O2A HEC G . 6.82 -1.00 5.05
NB HEC G . 4.62 1.13 -0.09
C1B HEC G . 3.51 0.61 0.59
C2B HEC G . 2.31 1.37 0.32
C3B HEC G . 2.72 2.43 -0.47
C4B HEC G . 4.10 2.24 -0.75
CMB HEC G . 0.88 1.04 0.76
CAB HEC G . 1.91 3.65 -0.93
CBB HEC G . 0.98 4.30 0.08
NC HEC G . 6.97 1.91 -1.27
C1C HEC G . 6.18 2.92 -1.83
C2C HEC G . 6.93 3.74 -2.75
C3C HEC G . 8.18 3.21 -2.79
C4C HEC G . 8.21 2.12 -1.85
CMC HEC G . 6.48 4.99 -3.49
CAC HEC G . 9.30 3.57 -3.77
CBC HEC G . 9.82 4.99 -3.75
ND HEC G . 8.31 -0.29 -0.03
C1D HEC G . 9.39 0.25 -0.73
C2D HEC G . 10.60 -0.51 -0.44
C3D HEC G . 10.24 -1.56 0.36
C4D HEC G . 8.83 -1.40 0.64
CMD HEC G . 12.02 -0.18 -0.85
CAD HEC G . 11.20 -2.66 0.77
CBD HEC G . 11.05 -3.94 -0.03
CGD HEC G . 12.17 -4.94 0.25
O1D HEC G . 12.75 -4.89 1.36
O2D HEC G . 12.45 -5.78 -0.63
FE HEC H . 14.87 7.58 -2.78
CHA HEC H . 15.06 10.85 -1.84
CHB HEC H . 16.82 6.71 -0.09
CHC HEC H . 14.34 4.22 -3.43
CHD HEC H . 13.44 8.38 -5.70
NA HEC H . 15.70 8.57 -1.28
C1A HEC H . 15.60 9.91 -0.98
C2A HEC H . 16.33 10.25 0.26
C3A HEC H . 16.95 9.11 0.66
C4A HEC H . 16.53 8.07 -0.26
CMA HEC H . 17.91 8.98 1.84
CAA HEC H . 16.25 11.58 1.01
CBA HEC H . 17.03 12.72 0.37
CGA HEC H . 16.79 14.06 1.06
O1A HEC H . 15.62 14.48 1.17
O2A HEC H . 17.79 14.68 1.49
NB HEC H . 15.39 5.87 -1.91
C1B HEC H . 16.29 5.68 -0.84
C2B HEC H . 16.56 4.26 -0.62
C3B HEC H . 15.86 3.59 -1.55
C4B HEC H . 15.10 4.57 -2.32
CMB HEC H . 17.40 3.62 0.48
CAB HEC H . 15.90 2.08 -1.80
CBB HEC H . 15.34 1.20 -0.69
NC HEC H . 14.04 6.54 -4.20
C1C HEC H . 13.82 5.17 -4.31
C2C HEC H . 13.13 4.83 -5.56
C3C HEC H . 12.91 5.99 -6.21
C4C HEC H . 13.50 7.05 -5.37
CMC HEC H . 12.81 3.45 -6.09
CAC HEC H . 12.28 6.21 -7.59
CBC HEC H . 10.88 5.65 -7.77
ND HEC H . 14.39 9.24 -3.59
C1D HEC H . 13.84 9.42 -4.85
C2D HEC H . 13.63 10.81 -5.13
C3D HEC H . 14.08 11.49 -4.06
C4D HEC H . 14.53 10.53 -3.10
CMD HEC H . 13.04 11.42 -6.38
CAD HEC H . 14.11 13.01 -3.88
CBD HEC H . 15.48 13.64 -4.02
CGD HEC H . 16.06 13.50 -5.41
O1D HEC H . 17.10 12.84 -5.55
O2D HEC H . 15.46 14.06 -6.36
FE HEC I . 24.46 1.14 0.74
CHA HEC I . 23.43 -1.99 1.58
CHB HEC I . 27.69 0.24 1.45
CHC HEC I . 25.51 4.18 -0.41
CHD HEC I . 21.21 2.15 0.46
NA HEC I . 25.36 -0.52 1.30
C1A HEC I . 24.79 -1.76 1.45
C2A HEC I . 25.76 -2.79 1.76
C3A HEC I . 26.96 -2.15 1.84
C4A HEC I . 26.71 -0.73 1.58
CMA HEC I . 28.30 -2.81 2.16
CAA HEC I . 25.44 -4.27 1.98
CBA HEC I . 25.16 -4.97 0.66
CGA HEC I . 26.38 -5.01 -0.21
O1A HEC I . 27.26 -5.85 0.06
O2A HEC I . 26.46 -4.20 -1.16
NB HEC I . 26.20 2.00 0.50
C1B HEC I . 27.45 1.52 0.93
C2B HEC I . 28.49 2.53 0.74
C3B HEC I . 27.90 3.61 0.15
C4B HEC I . 26.47 3.27 0.00
CMB HEC I . 29.95 2.41 1.12
CAB HEC I . 28.58 4.89 -0.30
CBB HEC I . 29.71 4.68 -1.30
NC HEC I . 23.58 2.79 0.14
C1C HEC I . 24.15 3.97 -0.30
C2C HEC I . 23.14 4.96 -0.64
C3C HEC I . 21.93 4.38 -0.41
C4C HEC I . 22.20 3.03 0.05
CMC HEC I . 23.36 6.40 -1.06
CAC HEC I . 20.56 5.04 -0.48
CBC HEC I . 20.23 5.65 -1.83
ND HEC I . 22.74 0.31 1.09
C1D HEC I . 21.48 0.88 0.99
C2D HEC I . 20.46 -0.09 1.36
C3D HEC I . 21.07 -1.28 1.61
C4D HEC I . 22.47 -1.01 1.46
CMD HEC I . 18.97 0.19 1.54
CAD HEC I . 20.44 -2.65 1.84
CBD HEC I . 19.89 -3.20 0.54
CGD HEC I . 19.32 -4.60 0.68
O1D HEC I . 18.71 -5.09 -0.29
O2D HEC I . 19.48 -5.21 1.76
#